data_3HC6
#
_entry.id   3HC6
#
_cell.length_a   159.089
_cell.length_b   159.089
_cell.length_c   159.089
_cell.angle_alpha   90.000
_cell.angle_beta   90.000
_cell.angle_gamma   90.000
#
_symmetry.space_group_name_H-M   'F 2 3'
#
loop_
_entity.id
_entity.type
_entity.pdbx_description
1 polymer 'Bile acid receptor'
2 polymer 'Nuclear receptor coactivator 1'
3 non-polymer '3-[(5-{[3-(2,6-dichlorophenyl)-5-(1-methylethyl)isoxazol-4-yl]methoxy}-1H-indol-1-yl)methyl]benzoic acid'
4 non-polymer 'SULFATE ION'
5 water water
#
loop_
_entity_poly.entity_id
_entity_poly.type
_entity_poly.pdbx_seq_one_letter_code
_entity_poly.pdbx_strand_id
1 'polypeptide(L)'
;GSTELTPDQQTLLHFIMDSYNKQRMPQEITNKILKEEFSAEENFLILTEMATNHVQVLVEFTKKLPGFQTLDHEDQIALL
KGSAVEAMFLRSAEIFNKKLPSGHSDLLEERIRNSGISDEYITPMFSFYKSIGELKMTQEEYALLTAIVILSPDRQYIKD
REAVEKLQEPLLDVLQKLCKIHQPENPQHFAELLGRLTELRTFNHHHAEMLMSWRVNDHKFTPLLEEIWDVQ
;
A
2 'polypeptide(L)' KESKDHQLLRYLLDKDEKDLR B
#
loop_
_chem_comp.id
_chem_comp.type
_chem_comp.name
_chem_comp.formula
088 non-polymer '3-[(5-{[3-(2,6-dichlorophenyl)-5-(1-methylethyl)isoxazol-4-yl]methoxy}-1H-indol-1-yl)methyl]benzoic acid' 'C29 H24 Cl2 N2 O4'
SO4 non-polymer 'SULFATE ION' 'O4 S -2'
#
# COMPACT_ATOMS: atom_id res chain seq x y z
N THR A 3 20.88 21.78 -4.20
CA THR A 3 19.43 21.48 -4.05
C THR A 3 19.13 21.08 -2.62
N GLU A 4 17.92 21.39 -2.17
CA GLU A 4 17.48 21.10 -0.81
C GLU A 4 15.98 20.87 -0.78
N LEU A 5 15.20 21.95 -0.74
CA LEU A 5 13.76 21.85 -0.70
C LEU A 5 13.04 23.17 -0.41
N THR A 6 12.45 23.73 -1.45
CA THR A 6 11.72 24.98 -1.32
C THR A 6 10.71 24.92 -0.16
N PRO A 7 10.34 26.09 0.38
CA PRO A 7 9.39 26.18 1.50
C PRO A 7 8.02 25.60 1.13
N ASP A 8 7.76 25.53 -0.18
CA ASP A 8 6.51 24.96 -0.66
C ASP A 8 6.58 23.45 -0.63
N GLN A 9 7.76 22.91 -0.91
CA GLN A 9 7.97 21.47 -0.91
C GLN A 9 8.39 20.99 0.49
N GLN A 10 8.63 21.93 1.39
CA GLN A 10 9.04 21.60 2.75
C GLN A 10 7.83 21.18 3.59
N THR A 11 6.63 21.55 3.10
CA THR A 11 5.38 21.21 3.76
C THR A 11 4.78 19.92 3.17
N LEU A 12 5.15 19.62 1.91
CA LEU A 12 4.67 18.41 1.25
C LEU A 12 5.27 17.20 1.96
N LEU A 13 6.50 17.36 2.47
CA LEU A 13 7.18 16.30 3.20
C LEU A 13 6.56 16.12 4.59
N HIS A 14 6.20 17.23 5.23
CA HIS A 14 5.59 17.18 6.56
C HIS A 14 4.10 16.82 6.45
N PHE A 15 3.37 17.56 5.61
CA PHE A 15 1.94 17.30 5.44
C PHE A 15 1.66 15.83 5.12
N ILE A 16 2.62 15.18 4.46
CA ILE A 16 2.50 13.78 4.08
C ILE A 16 3.07 12.87 5.15
N MET A 17 4.24 13.22 5.68
CA MET A 17 4.86 12.42 6.73
C MET A 17 4.07 12.48 8.02
N ASP A 18 2.99 13.27 8.06
CA ASP A 18 2.20 13.36 9.28
C ASP A 18 1.13 12.28 9.31
N SER A 19 0.34 12.25 8.25
CA SER A 19 -0.73 11.28 8.14
C SER A 19 -0.14 9.87 8.15
N TYR A 20 1.09 9.76 7.69
CA TYR A 20 1.77 8.47 7.63
C TYR A 20 2.05 7.89 9.02
N ASN A 21 2.05 8.73 10.05
CA ASN A 21 2.29 8.28 11.42
C ASN A 21 1.03 8.50 12.24
N LYS A 22 0.15 9.35 11.73
CA LYS A 22 -1.10 9.70 12.40
C LYS A 22 -2.00 8.49 12.72
N GLN A 23 -1.91 7.43 11.91
CA GLN A 23 -2.75 6.25 12.10
C GLN A 23 -2.01 4.91 11.89
N ARG A 24 -1.98 4.08 12.93
CA ARG A 24 -1.35 2.76 12.85
C ARG A 24 -2.41 1.69 13.10
N MET A 25 -1.99 0.42 13.07
CA MET A 25 -2.90 -0.72 13.28
C MET A 25 -3.07 -1.06 14.78
N PRO A 26 -4.31 -1.39 15.21
CA PRO A 26 -4.70 -1.75 16.58
C PRO A 26 -3.91 -2.92 17.13
N GLN A 27 -3.52 -2.86 18.40
CA GLN A 27 -2.77 -3.96 18.97
C GLN A 27 -3.64 -5.23 19.05
N GLU A 28 -4.93 -5.07 19.29
CA GLU A 28 -5.84 -6.22 19.37
C GLU A 28 -5.76 -7.08 18.11
N ILE A 29 -5.52 -6.45 16.96
CA ILE A 29 -5.43 -7.19 15.72
C ILE A 29 -4.04 -7.76 15.48
N THR A 30 -3.03 -6.90 15.34
CA THR A 30 -1.66 -7.37 15.11
C THR A 30 -1.18 -8.34 16.19
N ASN A 31 -1.86 -8.41 17.32
CA ASN A 31 -1.47 -9.32 18.40
C ASN A 31 -1.90 -10.75 18.10
N LYS A 32 -2.90 -10.92 17.25
CA LYS A 32 -3.40 -12.24 16.92
C LYS A 32 -2.39 -13.06 16.11
N ILE A 33 -1.48 -12.36 15.42
CA ILE A 33 -0.45 -13.02 14.62
C ILE A 33 0.35 -13.97 15.52
N LEU A 34 0.52 -13.57 16.77
CA LEU A 34 1.28 -14.31 17.75
C LEU A 34 0.44 -15.24 18.64
N LYS A 35 -0.59 -14.66 19.24
CA LYS A 35 -1.50 -15.36 20.15
C LYS A 35 -2.26 -16.51 19.49
N GLU A 36 -3.07 -16.20 18.50
CA GLU A 36 -3.86 -17.21 17.80
C GLU A 36 -3.09 -18.43 17.34
N GLU A 37 -3.82 -19.47 16.94
CA GLU A 37 -3.20 -20.71 16.48
C GLU A 37 -2.69 -20.56 15.07
N PHE A 38 -2.05 -21.61 14.58
CA PHE A 38 -1.50 -21.57 13.24
C PHE A 38 -2.12 -22.60 12.31
N SER A 39 -3.31 -22.26 11.83
CA SER A 39 -4.06 -23.10 10.90
C SER A 39 -4.27 -22.36 9.59
N ALA A 40 -4.52 -23.11 8.51
CA ALA A 40 -4.74 -22.52 7.20
C ALA A 40 -5.97 -21.61 7.20
N GLU A 41 -6.91 -21.87 8.11
CA GLU A 41 -8.08 -21.01 8.19
C GLU A 41 -7.72 -19.83 9.08
N GLU A 42 -7.34 -20.10 10.32
CA GLU A 42 -6.98 -19.04 11.26
C GLU A 42 -5.92 -18.11 10.65
N ASN A 43 -5.06 -18.63 9.77
CA ASN A 43 -4.07 -17.77 9.15
C ASN A 43 -4.78 -16.89 8.15
N PHE A 44 -5.56 -17.51 7.29
CA PHE A 44 -6.24 -16.74 6.26
C PHE A 44 -7.21 -15.74 6.86
N LEU A 45 -7.87 -16.13 7.93
CA LEU A 45 -8.80 -15.24 8.58
C LEU A 45 -8.12 -13.97 9.14
N ILE A 46 -6.96 -14.14 9.76
CA ILE A 46 -6.20 -13.02 10.34
C ILE A 46 -5.69 -12.10 9.26
N LEU A 47 -5.20 -12.68 8.16
CA LEU A 47 -4.71 -11.85 7.07
C LEU A 47 -5.89 -11.02 6.52
N THR A 48 -7.07 -11.62 6.43
CA THR A 48 -8.22 -10.88 5.95
C THR A 48 -8.51 -9.74 6.88
N GLU A 49 -8.41 -10.01 8.18
CA GLU A 49 -8.70 -8.96 9.12
C GLU A 49 -7.77 -7.77 8.94
N MET A 50 -6.46 -8.01 8.87
CA MET A 50 -5.54 -6.89 8.70
C MET A 50 -5.83 -6.17 7.40
N ALA A 51 -5.85 -6.91 6.30
CA ALA A 51 -6.15 -6.31 5.00
C ALA A 51 -7.37 -5.40 5.07
N THR A 52 -8.41 -5.81 5.80
CA THR A 52 -9.61 -5.00 5.89
C THR A 52 -9.41 -3.80 6.72
N ASN A 53 -8.74 -3.98 7.84
CA ASN A 53 -8.52 -2.85 8.71
C ASN A 53 -7.54 -1.86 8.05
N HIS A 54 -6.67 -2.37 7.19
CA HIS A 54 -5.71 -1.52 6.49
C HIS A 54 -6.35 -0.67 5.38
N VAL A 55 -7.45 -1.13 4.80
CA VAL A 55 -8.10 -0.37 3.75
C VAL A 55 -8.68 0.92 4.29
N GLN A 56 -8.91 0.94 5.60
CA GLN A 56 -9.43 2.11 6.28
C GLN A 56 -8.32 3.13 6.43
N VAL A 57 -7.20 2.69 6.98
CA VAL A 57 -6.05 3.56 7.18
C VAL A 57 -5.68 4.19 5.85
N LEU A 58 -5.87 3.42 4.78
CA LEU A 58 -5.58 3.90 3.44
C LEU A 58 -6.52 5.04 3.07
N VAL A 59 -7.82 4.80 3.20
CA VAL A 59 -8.76 5.82 2.87
C VAL A 59 -8.47 7.04 3.71
N GLU A 60 -8.09 6.83 4.96
CA GLU A 60 -7.79 7.98 5.83
C GLU A 60 -6.56 8.72 5.38
N PHE A 61 -5.48 7.96 5.16
CA PHE A 61 -4.23 8.53 4.70
C PHE A 61 -4.46 9.16 3.34
N THR A 62 -5.05 8.41 2.42
CA THR A 62 -5.31 8.96 1.10
C THR A 62 -6.37 10.06 1.19
N LYS A 63 -7.12 10.09 2.29
CA LYS A 63 -8.17 11.09 2.51
C LYS A 63 -7.60 12.49 2.39
N LYS A 64 -6.65 12.79 3.26
CA LYS A 64 -6.01 14.07 3.28
C LYS A 64 -5.43 14.33 1.90
N LEU A 65 -4.15 13.92 1.73
CA LEU A 65 -3.39 14.10 0.50
C LEU A 65 -3.85 15.34 -0.24
N PRO A 66 -3.09 16.43 -0.15
CA PRO A 66 -3.45 17.65 -0.85
C PRO A 66 -3.76 17.51 -2.32
N GLY A 67 -4.87 18.13 -2.73
CA GLY A 67 -5.28 18.10 -4.11
C GLY A 67 -6.13 16.88 -4.36
N PHE A 68 -6.40 16.14 -3.30
CA PHE A 68 -7.18 14.93 -3.45
C PHE A 68 -8.68 15.19 -3.48
N GLN A 69 -9.21 15.87 -2.46
CA GLN A 69 -10.65 16.18 -2.40
C GLN A 69 -11.11 17.12 -3.51
N THR A 70 -10.18 17.55 -4.34
CA THR A 70 -10.48 18.42 -5.47
C THR A 70 -10.94 17.54 -6.65
N LEU A 71 -10.31 16.38 -6.82
CA LEU A 71 -10.65 15.46 -7.91
C LEU A 71 -12.10 14.95 -7.91
N ASP A 72 -12.59 14.58 -9.10
CA ASP A 72 -13.95 14.06 -9.26
C ASP A 72 -14.18 12.81 -8.40
N HIS A 73 -15.37 12.75 -7.80
CA HIS A 73 -15.74 11.64 -6.95
C HIS A 73 -15.71 10.31 -7.68
N GLU A 74 -15.98 10.31 -8.98
CA GLU A 74 -15.92 9.06 -9.70
C GLU A 74 -14.45 8.79 -10.09
N ASP A 75 -13.54 9.56 -9.50
CA ASP A 75 -12.11 9.42 -9.76
C ASP A 75 -11.36 9.04 -8.48
N GLN A 76 -11.87 9.46 -7.33
CA GLN A 76 -11.20 9.10 -6.10
C GLN A 76 -11.43 7.62 -5.88
N ILE A 77 -12.56 7.11 -6.34
CA ILE A 77 -12.83 5.70 -6.17
C ILE A 77 -11.87 4.91 -7.01
N ALA A 78 -11.82 5.16 -8.31
CA ALA A 78 -10.91 4.40 -9.15
C ALA A 78 -9.53 4.34 -8.51
N LEU A 79 -9.05 5.49 -8.02
CA LEU A 79 -7.74 5.56 -7.39
C LEU A 79 -7.61 4.66 -6.18
N LEU A 80 -8.56 4.75 -5.26
CA LEU A 80 -8.49 3.91 -4.08
C LEU A 80 -8.58 2.46 -4.43
N LYS A 81 -9.27 2.14 -5.50
CA LYS A 81 -9.43 0.74 -5.86
C LYS A 81 -8.23 0.16 -6.57
N GLY A 82 -7.62 0.98 -7.41
CA GLY A 82 -6.48 0.51 -8.16
C GLY A 82 -5.22 0.53 -7.35
N SER A 83 -5.19 1.28 -6.26
CA SER A 83 -3.98 1.33 -5.47
C SER A 83 -4.11 0.60 -4.14
N ALA A 84 -5.29 0.08 -3.84
CA ALA A 84 -5.50 -0.64 -2.59
C ALA A 84 -4.40 -1.70 -2.35
N VAL A 85 -4.38 -2.76 -3.16
CA VAL A 85 -3.40 -3.83 -3.08
C VAL A 85 -1.94 -3.42 -3.15
N GLU A 86 -1.63 -2.40 -3.95
CA GLU A 86 -0.25 -1.97 -4.05
C GLU A 86 0.10 -1.27 -2.76
N ALA A 87 -0.69 -0.31 -2.31
CA ALA A 87 -0.34 0.29 -1.06
C ALA A 87 -0.19 -0.85 -0.05
N MET A 88 -1.19 -1.72 0.08
CA MET A 88 -1.06 -2.78 1.07
C MET A 88 0.23 -3.55 0.95
N PHE A 89 0.61 -3.92 -0.27
CA PHE A 89 1.84 -4.67 -0.47
C PHE A 89 3.06 -3.88 0.00
N LEU A 90 3.04 -2.57 -0.23
CA LEU A 90 4.16 -1.71 0.16
C LEU A 90 4.16 -1.50 1.64
N ARG A 91 3.00 -1.65 2.27
CA ARG A 91 2.98 -1.45 3.70
C ARG A 91 3.52 -2.67 4.40
N SER A 92 3.27 -3.84 3.85
CA SER A 92 3.75 -5.04 4.52
C SER A 92 5.25 -5.14 4.34
N ALA A 93 5.73 -4.73 3.17
CA ALA A 93 7.17 -4.76 2.88
C ALA A 93 7.92 -3.96 3.92
N GLU A 94 7.36 -2.84 4.29
CA GLU A 94 7.99 -2.03 5.30
C GLU A 94 8.13 -2.85 6.56
N ILE A 95 7.06 -3.52 6.98
CA ILE A 95 7.13 -4.32 8.18
C ILE A 95 8.21 -5.41 8.16
N PHE A 96 8.15 -6.33 7.21
CA PHE A 96 9.16 -7.38 7.16
C PHE A 96 10.57 -6.84 7.10
N ASN A 97 10.73 -5.68 6.50
CA ASN A 97 12.06 -5.06 6.37
C ASN A 97 12.44 -4.28 7.63
N LYS A 98 11.51 -3.50 8.19
CA LYS A 98 11.76 -2.73 9.39
C LYS A 98 11.78 -3.61 10.66
N LYS A 99 11.45 -4.89 10.50
CA LYS A 99 11.39 -5.84 11.62
C LYS A 99 10.67 -5.23 12.83
N LEU A 100 9.61 -4.47 12.54
CA LEU A 100 8.80 -3.81 13.56
C LEU A 100 8.31 -4.86 14.57
N PRO A 101 8.27 -4.49 15.86
CA PRO A 101 7.83 -5.34 16.97
C PRO A 101 6.38 -5.82 16.89
N SER A 102 5.49 -4.91 16.45
CA SER A 102 4.06 -5.17 16.29
C SER A 102 3.77 -5.91 14.97
N GLY A 103 4.84 -6.20 14.24
CA GLY A 103 4.68 -6.88 12.99
C GLY A 103 4.71 -8.39 13.15
N HIS A 104 5.57 -8.88 14.06
CA HIS A 104 5.78 -10.31 14.31
C HIS A 104 6.08 -10.98 12.98
N SER A 105 6.86 -10.31 12.15
CA SER A 105 7.20 -10.84 10.84
C SER A 105 7.55 -12.31 10.85
N ASP A 106 8.33 -12.77 11.82
CA ASP A 106 8.70 -14.17 11.86
C ASP A 106 7.48 -15.09 11.84
N LEU A 107 6.43 -14.70 12.54
CA LEU A 107 5.20 -15.49 12.61
C LEU A 107 4.30 -15.08 11.48
N LEU A 108 4.32 -13.80 11.16
CA LEU A 108 3.53 -13.28 10.08
C LEU A 108 3.85 -14.08 8.83
N GLU A 109 5.14 -14.18 8.49
CA GLU A 109 5.56 -14.92 7.31
C GLU A 109 5.04 -16.32 7.32
N GLU A 110 4.73 -16.81 8.52
CA GLU A 110 4.19 -18.16 8.71
C GLU A 110 2.77 -18.22 8.20
N ARG A 111 1.92 -17.40 8.82
CA ARG A 111 0.55 -17.36 8.42
C ARG A 111 0.48 -17.08 6.92
N ILE A 112 1.28 -16.13 6.42
CA ILE A 112 1.19 -15.85 5.01
C ILE A 112 1.43 -17.10 4.17
N ARG A 113 2.57 -17.74 4.35
CA ARG A 113 2.90 -18.96 3.58
C ARG A 113 1.84 -20.06 3.66
N ASN A 114 1.15 -20.13 4.79
CA ASN A 114 0.11 -21.12 4.94
C ASN A 114 -1.23 -20.41 5.04
N SER A 115 -1.74 -19.93 3.91
CA SER A 115 -3.03 -19.26 3.92
C SER A 115 -3.80 -19.55 2.65
N GLY A 116 -3.55 -20.70 2.04
CA GLY A 116 -4.24 -21.03 0.82
C GLY A 116 -3.54 -20.37 -0.34
N ILE A 117 -2.55 -19.52 -0.07
CA ILE A 117 -1.85 -18.85 -1.16
C ILE A 117 -1.05 -19.81 -2.05
N SER A 118 -1.22 -19.67 -3.36
CA SER A 118 -0.52 -20.53 -4.32
C SER A 118 0.98 -20.39 -4.12
N ASP A 119 1.77 -21.22 -4.79
CA ASP A 119 3.22 -21.15 -4.64
C ASP A 119 3.79 -20.15 -5.61
N GLU A 120 3.33 -20.18 -6.84
CA GLU A 120 3.84 -19.25 -7.82
C GLU A 120 3.87 -17.85 -7.26
N TYR A 121 2.86 -17.51 -6.45
CA TYR A 121 2.72 -16.15 -5.88
C TYR A 121 3.34 -15.93 -4.50
N ILE A 122 3.77 -17.01 -3.88
CA ILE A 122 4.40 -16.92 -2.58
C ILE A 122 5.87 -16.61 -2.76
N THR A 123 6.46 -17.08 -3.86
CA THR A 123 7.86 -16.81 -4.10
C THR A 123 8.11 -15.34 -4.41
N PRO A 124 7.54 -14.82 -5.51
CA PRO A 124 7.68 -13.43 -5.95
C PRO A 124 7.42 -12.48 -4.83
N MET A 125 6.47 -12.85 -4.00
CA MET A 125 6.10 -12.02 -2.89
C MET A 125 7.28 -11.79 -1.96
N PHE A 126 7.91 -12.85 -1.51
CA PHE A 126 8.99 -12.63 -0.60
C PHE A 126 10.23 -12.04 -1.25
N SER A 127 10.49 -12.47 -2.47
CA SER A 127 11.59 -11.94 -3.27
C SER A 127 11.49 -10.42 -3.28
N PHE A 128 10.34 -9.89 -3.68
CA PHE A 128 10.11 -8.45 -3.68
C PHE A 128 10.49 -7.94 -2.31
N TYR A 129 10.12 -8.69 -1.27
CA TYR A 129 10.44 -8.26 0.08
C TYR A 129 11.93 -8.18 0.37
N LYS A 130 12.67 -9.22 0.01
CA LYS A 130 14.12 -9.26 0.24
C LYS A 130 14.82 -8.20 -0.59
N SER A 131 14.37 -8.07 -1.83
CA SER A 131 14.89 -7.11 -2.80
C SER A 131 14.65 -5.72 -2.30
N ILE A 132 13.40 -5.31 -2.26
CA ILE A 132 13.10 -3.96 -1.79
C ILE A 132 13.79 -3.75 -0.46
N GLY A 133 13.87 -4.81 0.34
CA GLY A 133 14.47 -4.70 1.65
C GLY A 133 15.89 -4.18 1.57
N GLU A 134 16.63 -4.73 0.63
CA GLU A 134 18.02 -4.33 0.44
C GLU A 134 18.18 -2.82 0.21
N LEU A 135 17.16 -2.13 -0.26
CA LEU A 135 17.32 -0.70 -0.48
C LEU A 135 17.43 0.09 0.80
N LYS A 136 17.27 -0.58 1.93
CA LYS A 136 17.32 0.13 3.21
C LYS A 136 16.58 1.46 3.08
N MET A 137 15.32 1.39 2.65
CA MET A 137 14.50 2.58 2.50
C MET A 137 14.22 3.25 3.83
N THR A 138 13.89 4.52 3.78
CA THR A 138 13.60 5.27 4.98
C THR A 138 12.12 5.63 5.02
N GLN A 139 11.54 5.68 6.21
CA GLN A 139 10.15 6.01 6.35
C GLN A 139 9.75 7.08 5.31
N GLU A 140 10.57 8.11 5.12
CA GLU A 140 10.25 9.16 4.15
C GLU A 140 10.11 8.60 2.72
N GLU A 141 10.90 7.59 2.40
CA GLU A 141 10.82 6.99 1.07
C GLU A 141 9.51 6.19 0.94
N TYR A 142 9.16 5.46 2.00
CA TYR A 142 7.93 4.68 2.05
C TYR A 142 6.71 5.58 1.94
N ALA A 143 6.62 6.59 2.80
CA ALA A 143 5.47 7.47 2.75
C ALA A 143 5.32 8.15 1.38
N LEU A 144 6.40 8.64 0.79
CA LEU A 144 6.24 9.32 -0.49
C LEU A 144 5.95 8.35 -1.60
N LEU A 145 6.64 7.21 -1.59
CA LEU A 145 6.39 6.25 -2.64
C LEU A 145 4.93 5.82 -2.60
N THR A 146 4.39 5.58 -1.40
CA THR A 146 2.99 5.16 -1.27
C THR A 146 2.04 6.19 -1.88
N ALA A 147 2.20 7.45 -1.50
CA ALA A 147 1.37 8.51 -2.03
C ALA A 147 1.54 8.54 -3.52
N ILE A 148 2.76 8.28 -3.97
CA ILE A 148 2.97 8.27 -5.39
C ILE A 148 2.14 7.15 -6.02
N VAL A 149 2.11 5.99 -5.36
CA VAL A 149 1.36 4.82 -5.84
C VAL A 149 -0.14 5.08 -5.90
N ILE A 150 -0.65 5.67 -4.83
CA ILE A 150 -2.06 5.96 -4.75
C ILE A 150 -2.45 6.92 -5.87
N LEU A 151 -1.76 8.05 -5.97
CA LEU A 151 -2.08 9.05 -7.00
C LEU A 151 -1.50 8.75 -8.40
N SER A 152 -1.62 7.51 -8.87
CA SER A 152 -1.09 7.11 -10.20
C SER A 152 -2.10 7.29 -11.33
N PRO A 153 -1.90 8.30 -12.19
CA PRO A 153 -2.80 8.58 -13.32
C PRO A 153 -3.13 7.34 -14.11
N ASP A 154 -2.08 6.66 -14.56
CA ASP A 154 -2.16 5.45 -15.38
C ASP A 154 -3.22 4.42 -14.97
N ARG A 155 -3.88 4.64 -13.84
CA ARG A 155 -4.92 3.75 -13.33
C ARG A 155 -6.00 3.53 -14.38
N GLN A 156 -6.83 2.53 -14.12
CA GLN A 156 -7.93 2.19 -15.01
C GLN A 156 -9.25 2.87 -14.59
N TYR A 157 -10.15 3.00 -15.56
CA TYR A 157 -11.47 3.63 -15.41
C TYR A 157 -11.39 5.05 -14.88
N ILE A 158 -10.26 5.69 -15.13
CA ILE A 158 -10.06 7.06 -14.70
C ILE A 158 -10.79 8.00 -15.67
N LYS A 159 -11.02 9.23 -15.24
CA LYS A 159 -11.68 10.23 -16.05
C LYS A 159 -10.70 11.35 -16.41
N ASP A 160 -10.33 12.15 -15.42
CA ASP A 160 -9.38 13.23 -15.66
C ASP A 160 -7.96 12.74 -15.32
N ARG A 161 -7.37 11.97 -16.22
CA ARG A 161 -6.03 11.45 -16.03
C ARG A 161 -5.02 12.59 -16.01
N GLU A 162 -5.42 13.77 -16.47
CA GLU A 162 -4.51 14.92 -16.51
C GLU A 162 -4.44 15.66 -15.18
N ALA A 163 -5.51 15.60 -14.40
CA ALA A 163 -5.57 16.27 -13.11
C ALA A 163 -4.88 15.45 -12.03
N VAL A 164 -4.55 14.21 -12.36
CA VAL A 164 -3.88 13.35 -11.42
C VAL A 164 -2.38 13.61 -11.54
N GLU A 165 -1.85 13.59 -12.77
CA GLU A 165 -0.43 13.84 -12.97
C GLU A 165 0.00 15.17 -12.34
N LYS A 166 -0.95 16.09 -12.17
CA LYS A 166 -0.66 17.37 -11.56
C LYS A 166 -0.53 17.24 -10.05
N LEU A 167 -0.81 16.05 -9.52
CA LEU A 167 -0.70 15.84 -8.09
C LEU A 167 0.43 14.89 -7.78
N GLN A 168 0.65 13.94 -8.67
CA GLN A 168 1.69 12.97 -8.45
C GLN A 168 3.06 13.57 -8.79
N GLU A 169 3.15 14.34 -9.88
CA GLU A 169 4.41 14.94 -10.32
C GLU A 169 5.12 15.71 -9.19
N PRO A 170 4.38 16.47 -8.37
CA PRO A 170 4.98 17.24 -7.29
C PRO A 170 5.66 16.30 -6.28
N LEU A 171 4.95 15.24 -5.89
CA LEU A 171 5.49 14.28 -4.95
C LEU A 171 6.72 13.60 -5.57
N LEU A 172 6.60 13.22 -6.84
CA LEU A 172 7.72 12.61 -7.55
C LEU A 172 8.95 13.51 -7.55
N ASP A 173 8.73 14.83 -7.60
CA ASP A 173 9.82 15.79 -7.61
C ASP A 173 10.44 15.90 -6.22
N VAL A 174 9.64 15.67 -5.18
CA VAL A 174 10.17 15.75 -3.83
C VAL A 174 10.94 14.49 -3.46
N LEU A 175 10.72 13.40 -4.20
CA LEU A 175 11.41 12.15 -3.89
C LEU A 175 12.83 12.15 -4.45
N GLN A 176 12.97 12.68 -5.66
CA GLN A 176 14.27 12.76 -6.31
C GLN A 176 15.20 13.66 -5.52
N LYS A 177 14.70 14.83 -5.12
CA LYS A 177 15.48 15.76 -4.34
C LYS A 177 16.10 15.01 -3.15
N LEU A 178 15.31 14.16 -2.52
CA LEU A 178 15.80 13.39 -1.38
C LEU A 178 16.83 12.36 -1.83
N CYS A 179 16.71 11.91 -3.08
CA CYS A 179 17.62 10.92 -3.63
C CYS A 179 18.92 11.57 -4.10
N LYS A 180 18.98 12.88 -3.93
CA LYS A 180 20.16 13.66 -4.29
C LYS A 180 20.71 14.22 -2.99
N ILE A 181 19.82 14.44 -2.01
CA ILE A 181 20.25 14.98 -0.73
C ILE A 181 20.72 13.91 0.26
N HIS A 182 19.92 12.88 0.46
CA HIS A 182 20.33 11.84 1.41
C HIS A 182 21.01 10.67 0.72
N GLN A 183 21.22 10.77 -0.58
CA GLN A 183 21.86 9.70 -1.34
C GLN A 183 22.56 10.21 -2.58
N PRO A 184 23.67 10.94 -2.41
CA PRO A 184 24.44 11.52 -3.50
C PRO A 184 25.40 10.48 -4.10
N GLU A 185 25.93 9.61 -3.24
CA GLU A 185 26.87 8.57 -3.63
C GLU A 185 26.33 7.69 -4.76
N ASN A 186 25.00 7.60 -4.83
CA ASN A 186 24.36 6.80 -5.86
C ASN A 186 23.18 7.54 -6.50
N PRO A 187 23.34 7.93 -7.77
CA PRO A 187 22.33 8.66 -8.53
C PRO A 187 21.09 7.83 -8.77
N GLN A 188 21.29 6.59 -9.20
CA GLN A 188 20.19 5.69 -9.51
C GLN A 188 19.16 5.42 -8.42
N HIS A 189 19.42 5.84 -7.19
CA HIS A 189 18.48 5.61 -6.10
C HIS A 189 17.03 5.92 -6.51
N PHE A 190 16.80 7.15 -6.93
CA PHE A 190 15.45 7.55 -7.34
C PHE A 190 14.94 6.56 -8.37
N ALA A 191 15.77 6.21 -9.34
CA ALA A 191 15.34 5.26 -10.34
C ALA A 191 15.23 3.87 -9.74
N GLU A 192 15.81 3.66 -8.56
CA GLU A 192 15.68 2.37 -7.88
C GLU A 192 14.27 2.28 -7.31
N LEU A 193 13.85 3.37 -6.65
CA LEU A 193 12.54 3.46 -6.05
C LEU A 193 11.41 3.39 -7.06
N LEU A 194 11.59 4.00 -8.21
CA LEU A 194 10.54 4.01 -9.21
C LEU A 194 10.38 2.62 -9.80
N GLY A 195 11.38 1.76 -9.60
CA GLY A 195 11.31 0.40 -10.11
C GLY A 195 10.28 -0.36 -9.29
N ARG A 196 10.15 0.06 -8.07
CA ARG A 196 9.22 -0.54 -7.17
C ARG A 196 7.80 -0.24 -7.59
N LEU A 197 7.60 0.75 -8.46
CA LEU A 197 6.24 1.03 -8.86
C LEU A 197 5.78 0.04 -9.90
N THR A 198 6.70 -0.49 -10.67
CA THR A 198 6.34 -1.40 -11.72
C THR A 198 6.26 -2.80 -11.13
N GLU A 199 7.06 -3.05 -10.09
CA GLU A 199 7.01 -4.37 -9.46
C GLU A 199 5.69 -4.49 -8.68
N LEU A 200 5.34 -3.46 -7.94
CA LEU A 200 4.09 -3.48 -7.21
C LEU A 200 3.01 -3.78 -8.23
N ARG A 201 3.06 -3.12 -9.36
CA ARG A 201 2.02 -3.39 -10.32
C ARG A 201 2.04 -4.85 -10.70
N THR A 202 3.21 -5.46 -10.82
CA THR A 202 3.18 -6.86 -11.18
C THR A 202 2.37 -7.67 -10.16
N PHE A 203 2.43 -7.29 -8.88
CA PHE A 203 1.66 -8.04 -7.90
C PHE A 203 0.16 -7.89 -7.97
N ASN A 204 -0.32 -6.78 -8.52
CA ASN A 204 -1.75 -6.59 -8.69
C ASN A 204 -2.21 -7.76 -9.58
N HIS A 205 -1.44 -8.06 -10.61
CA HIS A 205 -1.80 -9.13 -11.51
C HIS A 205 -1.79 -10.51 -10.83
N HIS A 206 -0.77 -10.75 -10.02
CA HIS A 206 -0.67 -12.01 -9.29
C HIS A 206 -1.86 -12.11 -8.37
N HIS A 207 -2.15 -11.00 -7.69
CA HIS A 207 -3.24 -10.94 -6.72
C HIS A 207 -4.64 -11.20 -7.23
N ALA A 208 -5.02 -10.56 -8.33
CA ALA A 208 -6.35 -10.77 -8.88
C ALA A 208 -6.55 -12.27 -8.98
N GLU A 209 -5.50 -12.98 -9.35
CA GLU A 209 -5.57 -14.44 -9.46
C GLU A 209 -5.66 -15.14 -8.11
N MET A 210 -4.80 -14.80 -7.15
CA MET A 210 -4.88 -15.48 -5.88
C MET A 210 -6.20 -15.22 -5.16
N LEU A 211 -6.99 -14.29 -5.68
CA LEU A 211 -8.30 -14.00 -5.08
C LEU A 211 -9.27 -15.02 -5.64
N MET A 212 -9.06 -15.39 -6.89
CA MET A 212 -9.90 -16.40 -7.54
C MET A 212 -9.76 -17.75 -6.83
N SER A 213 -8.52 -18.19 -6.65
CA SER A 213 -8.27 -19.47 -5.97
C SER A 213 -9.07 -19.49 -4.67
N TRP A 214 -9.01 -18.37 -3.94
CA TRP A 214 -9.70 -18.22 -2.66
C TRP A 214 -11.22 -18.27 -2.80
N ARG A 215 -11.72 -17.45 -3.72
CA ARG A 215 -13.16 -17.34 -3.98
C ARG A 215 -13.78 -18.69 -4.30
N VAL A 216 -13.11 -19.49 -5.13
CA VAL A 216 -13.65 -20.81 -5.47
C VAL A 216 -13.63 -21.74 -4.27
N ASN A 217 -12.78 -21.47 -3.28
CA ASN A 217 -12.70 -22.33 -2.10
C ASN A 217 -13.63 -21.88 -0.98
N ASP A 218 -14.75 -21.26 -1.33
CA ASP A 218 -15.66 -20.77 -0.31
C ASP A 218 -14.87 -19.89 0.64
N HIS A 219 -14.10 -18.94 0.10
CA HIS A 219 -13.36 -18.03 0.97
C HIS A 219 -13.96 -16.65 0.79
N LYS A 220 -14.56 -16.11 1.83
CA LYS A 220 -15.15 -14.80 1.69
C LYS A 220 -14.33 -13.75 2.43
N PHE A 221 -14.53 -12.49 2.03
CA PHE A 221 -13.83 -11.34 2.56
C PHE A 221 -14.85 -10.37 3.07
N THR A 222 -14.42 -9.40 3.86
CA THR A 222 -15.34 -8.43 4.40
C THR A 222 -16.03 -7.55 3.32
N PRO A 223 -17.14 -6.87 3.67
CA PRO A 223 -17.87 -6.03 2.71
C PRO A 223 -16.96 -4.97 2.16
N LEU A 224 -16.09 -4.45 3.03
CA LEU A 224 -15.18 -3.41 2.60
C LEU A 224 -14.16 -3.89 1.58
N LEU A 225 -13.49 -5.01 1.84
CA LEU A 225 -12.52 -5.53 0.89
C LEU A 225 -13.20 -6.02 -0.35
N GLU A 226 -14.40 -6.57 -0.21
CA GLU A 226 -15.08 -7.05 -1.39
C GLU A 226 -15.22 -5.85 -2.33
N GLU A 227 -15.59 -4.72 -1.75
CA GLU A 227 -15.77 -3.52 -2.51
C GLU A 227 -14.54 -3.05 -3.26
N ILE A 228 -13.48 -2.81 -2.51
CA ILE A 228 -12.23 -2.32 -3.07
C ILE A 228 -11.64 -3.25 -4.12
N TRP A 229 -11.74 -4.55 -3.90
CA TRP A 229 -11.21 -5.50 -4.87
C TRP A 229 -12.23 -5.95 -5.89
N ASP A 230 -13.37 -5.26 -5.90
CA ASP A 230 -14.46 -5.60 -6.81
C ASP A 230 -15.13 -6.97 -6.56
N VAL A 231 -16.35 -6.95 -6.05
CA VAL A 231 -17.12 -8.17 -5.82
C VAL A 231 -16.37 -9.26 -5.04
N GLN A 232 -15.57 -8.87 -4.06
CA GLN A 232 -14.77 -9.78 -3.22
C GLN A 232 -13.31 -9.86 -3.64
N ASP B 5 -21.60 -0.63 -5.31
CA ASP B 5 -20.52 -0.39 -6.30
C ASP B 5 -19.45 0.54 -5.72
N HIS B 6 -19.87 1.46 -4.85
CA HIS B 6 -18.95 2.40 -4.21
C HIS B 6 -19.52 2.95 -2.90
N GLN B 7 -20.66 2.41 -2.47
CA GLN B 7 -21.36 2.82 -1.26
C GLN B 7 -20.49 2.94 0.00
N LEU B 8 -19.69 1.91 0.26
CA LEU B 8 -18.81 1.84 1.43
C LEU B 8 -17.59 2.74 1.35
N LEU B 9 -17.00 2.83 0.17
CA LEU B 9 -15.83 3.66 0.00
C LEU B 9 -16.27 5.12 -0.04
N ARG B 10 -17.36 5.41 -0.76
CA ARG B 10 -17.84 6.80 -0.84
C ARG B 10 -18.16 7.28 0.58
N TYR B 11 -18.76 6.39 1.37
CA TYR B 11 -19.10 6.75 2.73
C TYR B 11 -17.85 7.11 3.52
N LEU B 12 -16.84 6.27 3.43
CA LEU B 12 -15.56 6.48 4.14
C LEU B 12 -14.82 7.76 3.73
N LEU B 13 -15.11 8.25 2.53
CA LEU B 13 -14.47 9.45 2.01
C LEU B 13 -15.29 10.70 2.31
N ASP B 14 -16.40 10.51 3.00
CA ASP B 14 -17.27 11.62 3.38
C ASP B 14 -17.43 11.64 4.90
N LYS B 15 -16.47 11.09 5.62
CA LYS B 15 -16.54 11.09 7.07
C LYS B 15 -15.58 12.12 7.66
C1 088 C . -7.26 -10.97 2.35
C2 088 C . -5.96 -11.42 2.97
C3 088 C . -5.94 -12.94 3.05
C4 088 C . -4.83 -10.96 2.18
O5 088 C . -4.79 -11.34 0.88
N6 088 C . -3.64 -10.81 0.29
C7 088 C . -3.03 -10.12 1.25
C8 088 C . -3.75 -10.17 2.48
C9 088 C . -3.42 -9.51 3.78
O10 088 C . -2.00 -9.58 4.05
C11 088 C . -1.45 -8.48 4.77
C12 088 C . -0.19 -8.67 5.40
C13 088 C . 0.43 -7.65 6.16
C14 088 C . -0.27 -6.44 6.24
N15 088 C . -0.01 -5.26 6.94
C16 088 C . 1.19 -5.07 7.84
C17 088 C . 1.01 -4.09 9.02
C18 088 C . 1.24 -4.50 10.36
C19 088 C . 1.07 -3.56 11.43
C20 088 C . 0.69 -2.23 11.16
C21 088 C . 0.45 -1.85 9.83
C22 088 C . 0.63 -2.74 8.78
C23 088 C . -0.03 -0.49 9.50
O24 088 C . -1.15 -0.32 8.98
O25 088 C . 0.82 0.53 9.79
C26 088 C . -1.00 -4.35 6.68
C27 088 C . -1.93 -4.94 5.85
C28 088 C . -1.50 -6.24 5.59
C29 088 C . -2.13 -7.26 4.85
C30 088 C . -1.79 -9.45 1.02
C31 088 C . -0.56 -10.10 1.31
CL32 088 C . -0.53 -11.71 1.93
C33 088 C . 0.65 -9.42 1.12
C34 088 C . 0.64 -8.11 0.62
C35 088 C . -0.58 -7.47 0.30
C36 088 C . -1.80 -8.14 0.49
CL37 088 C . -3.26 -7.35 0.03
S SO4 D . -3.85 -9.03 26.34
O1 SO4 D . -4.27 -8.12 27.43
O2 SO4 D . -5.04 -9.39 25.52
O3 SO4 D . -3.27 -10.25 26.93
O4 SO4 D . -2.83 -8.36 25.49
#